data_1MW8
#
_entry.id   1MW8
#
_cell.length_a   63.392
_cell.length_b   79.148
_cell.length_c   141.798
_cell.angle_alpha   90.00
_cell.angle_beta   90.00
_cell.angle_gamma   90.00
#
_symmetry.space_group_name_H-M   'P 21 21 21'
#
loop_
_entity.id
_entity.type
_entity.pdbx_description
1 polymer "5'-D(*AP*CP*TP*TP*CP*GP*GP*GP*AP*TP*G)-3'"
2 polymer 'DNA Topoisomerase I'
3 non-polymer 'SULFATE ION'
4 non-polymer "THYMIDINE-5'-PHOSPHATE"
5 water water
#
loop_
_entity_poly.entity_id
_entity_poly.type
_entity_poly.pdbx_seq_one_letter_code
_entity_poly.pdbx_strand_id
1 'polydeoxyribonucleotide' (DA)(DC)(DT)(DT)(DC)(DG)(DG)(DG)(DA)(DT)(DG) Y
2 'polypeptide(L)'
;MGKALVIVESPAKAKTINKYLGSDYVVKSSVGHIRDLPTSGSAAKKSADSTSTKTAKKPKKDERGALVNRMGVDPWHNWE
AHYEVLPGKEKVVSELKQLAEKADHIYLATDLDREGEAIAWHLREVIGGDDARYSRVVFNEITKNAIRQAFNKPGELNID
RVNAQQARRFMDRVVGYMVSPLLWKKIARGLSAGRVQSVAVRLVVEREREIKAFVPEEFWEVDASTTTPSGEALALQVTH
QNDKPFRPVNKEQTQAAVSLLEKARYSVLEREDKPTTSKPGAPFITSTLQQAASTRLGFGVKKTMMMAQRLYEAGYITYM
RTDSTNLSQDAVNMVRGYISDNFGKKYLPESPNQYASKENSQEAREAIRPSDVNVMAESLKDMEADAQKLYQLIWRQFVA
CQMTPAKYDSTTLTVGAGDFRLKARGRILRFDGWTKVMPALRKGDEDRILPAVNKGDALTLVELTPAQHFTKPPARFSEA
SLVKELEKRGIGRPSTYASIISTIQDRGYVRVENRRFYAEKMGEIVTDRLEENFRELMNYDFTAQMENNLDQVANHEAEW
KAVLDHFFSDFTQQLDKAEKDPEEGGMRPNQM
;
X
#
# COMPACT_ATOMS: atom_id res chain seq x y z
N GLY B 2 -11.65 43.40 -5.91
CA GLY B 2 -10.62 42.77 -5.04
C GLY B 2 -10.54 41.27 -5.25
N LYS B 3 -9.39 40.83 -5.75
CA LYS B 3 -9.09 39.41 -5.91
C LYS B 3 -8.88 38.65 -4.58
N ALA B 4 -8.92 37.33 -4.69
CA ALA B 4 -8.73 36.44 -3.55
C ALA B 4 -7.40 35.71 -3.72
N LEU B 5 -6.78 35.34 -2.60
CA LEU B 5 -5.52 34.58 -2.66
C LEU B 5 -5.80 33.09 -2.42
N VAL B 6 -5.36 32.27 -3.37
CA VAL B 6 -5.49 30.81 -3.25
C VAL B 6 -4.08 30.25 -3.11
N ILE B 7 -3.82 29.55 -2.02
CA ILE B 7 -2.50 28.99 -1.81
C ILE B 7 -2.48 27.47 -1.90
N VAL B 8 -1.53 26.94 -2.66
CA VAL B 8 -1.36 25.50 -2.80
C VAL B 8 0.09 25.11 -2.50
N GLU B 9 0.34 23.82 -2.46
CA GLU B 9 1.67 23.28 -2.13
C GLU B 9 2.73 23.38 -3.21
N SER B 10 2.36 23.21 -4.47
CA SER B 10 3.37 23.15 -5.55
C SER B 10 3.04 23.98 -6.79
N PRO B 11 4.07 24.37 -7.53
CA PRO B 11 3.86 25.09 -8.79
C PRO B 11 3.03 24.27 -9.77
N ALA B 12 3.21 22.95 -9.81
CA ALA B 12 2.42 22.14 -10.75
C ALA B 12 0.93 22.20 -10.41
N LYS B 13 0.61 22.10 -9.12
CA LYS B 13 -0.78 22.18 -8.70
C LYS B 13 -1.31 23.59 -8.95
N ALA B 14 -0.48 24.60 -8.67
CA ALA B 14 -0.88 25.98 -8.94
C ALA B 14 -1.30 26.16 -10.41
N LYS B 15 -0.45 25.69 -11.33
CA LYS B 15 -0.75 25.77 -12.77
C LYS B 15 -2.10 25.15 -13.11
N THR B 16 -2.31 23.89 -12.72
CA THR B 16 -3.54 23.22 -13.03
C THR B 16 -4.77 23.92 -12.44
N ILE B 17 -4.73 24.26 -11.16
CA ILE B 17 -5.89 24.87 -10.53
C ILE B 17 -6.21 26.25 -11.12
N ASN B 18 -5.17 26.98 -11.53
CA ASN B 18 -5.38 28.31 -12.10
C ASN B 18 -6.18 28.24 -13.40
N LYS B 19 -6.14 27.09 -14.07
CA LYS B 19 -6.92 26.87 -15.29
C LYS B 19 -8.41 26.95 -15.02
N TYR B 20 -8.81 26.68 -13.78
CA TYR B 20 -10.22 26.64 -13.43
C TYR B 20 -10.62 27.73 -12.45
N LEU B 21 -9.75 28.73 -12.28
CA LEU B 21 -10.04 29.86 -11.40
C LEU B 21 -10.01 31.19 -12.17
N GLY B 22 -11.13 31.90 -12.12
CA GLY B 22 -11.26 33.19 -12.79
C GLY B 22 -10.30 34.29 -12.34
N SER B 23 -10.47 35.45 -12.97
CA SER B 23 -9.63 36.62 -12.72
C SER B 23 -9.64 37.09 -11.28
N ASP B 24 -10.72 36.81 -10.56
CA ASP B 24 -10.86 37.23 -9.17
C ASP B 24 -9.95 36.45 -8.20
N TYR B 25 -9.24 35.45 -8.70
CA TYR B 25 -8.33 34.65 -7.86
C TYR B 25 -6.88 34.74 -8.30
N VAL B 26 -5.98 34.92 -7.35
CA VAL B 26 -4.54 34.82 -7.61
C VAL B 26 -4.05 33.56 -6.92
N VAL B 27 -3.47 32.64 -7.68
CA VAL B 27 -2.98 31.40 -7.13
C VAL B 27 -1.48 31.47 -6.91
N LYS B 28 -1.04 31.01 -5.75
CA LYS B 28 0.39 30.94 -5.46
C LYS B 28 0.70 29.69 -4.65
N SER B 29 1.84 29.07 -4.94
CA SER B 29 2.27 27.89 -4.20
C SER B 29 3.28 28.26 -3.11
N SER B 30 3.34 27.42 -2.10
CA SER B 30 4.26 27.60 -0.99
C SER B 30 5.54 26.77 -1.21
N VAL B 31 5.62 26.07 -2.33
CA VAL B 31 6.76 25.23 -2.62
C VAL B 31 7.05 24.28 -1.44
N GLY B 32 6.04 23.51 -1.05
CA GLY B 32 6.20 22.54 0.02
C GLY B 32 5.96 23.10 1.41
N HIS B 33 6.39 22.36 2.44
CA HIS B 33 6.20 22.77 3.83
C HIS B 33 6.97 24.05 4.11
N ILE B 34 6.37 24.91 4.92
CA ILE B 34 6.97 26.19 5.29
C ILE B 34 7.47 26.20 6.73
N ARG B 35 6.89 25.33 7.56
CA ARG B 35 7.25 25.28 8.97
C ARG B 35 7.22 23.85 9.48
N ASP B 36 8.16 23.50 10.34
CA ASP B 36 8.18 22.18 10.97
C ASP B 36 9.02 22.27 12.21
N LEU B 37 9.20 21.15 12.90
CA LEU B 37 10.05 21.13 14.06
C LEU B 37 11.45 21.45 13.57
N PRO B 38 12.31 21.95 14.46
CA PRO B 38 13.68 22.32 14.07
C PRO B 38 14.35 21.33 13.12
N THR B 39 15.23 21.85 12.29
CA THR B 39 15.92 21.05 11.30
C THR B 39 16.99 20.20 11.99
N SER B 40 17.44 20.69 13.15
CA SER B 40 18.30 19.94 14.07
C SER B 40 19.81 20.01 13.82
N GLY B 41 20.25 20.67 12.75
CA GLY B 41 21.66 20.76 12.44
C GLY B 41 22.30 21.99 13.05
N ASP B 62 19.59 20.38 32.41
CA ASP B 62 20.48 20.80 31.33
C ASP B 62 20.42 19.77 30.21
N GLU B 63 20.42 18.50 30.60
CA GLU B 63 20.30 17.41 29.63
C GLU B 63 18.88 17.38 29.06
N ARG B 64 17.89 17.59 29.91
CA ARG B 64 16.51 17.62 29.47
C ARG B 64 16.24 18.83 28.61
N GLY B 65 16.71 19.99 29.06
CA GLY B 65 16.57 21.23 28.32
C GLY B 65 17.18 21.15 26.93
N ALA B 66 18.34 20.48 26.85
CA ALA B 66 19.03 20.31 25.58
C ALA B 66 18.21 19.42 24.64
N LEU B 67 17.66 18.37 25.22
CA LEU B 67 16.82 17.44 24.48
C LEU B 67 15.59 18.16 23.91
N VAL B 68 14.94 18.98 24.74
CA VAL B 68 13.73 19.69 24.33
C VAL B 68 14.05 20.65 23.18
N ASN B 69 15.17 21.33 23.31
CA ASN B 69 15.64 22.26 22.29
C ASN B 69 15.80 21.55 20.95
N ARG B 70 16.39 20.35 20.98
CA ARG B 70 16.62 19.56 19.77
C ARG B 70 15.30 19.07 19.18
N MET B 71 14.43 18.56 20.05
CA MET B 71 13.16 18.02 19.61
C MET B 71 12.22 19.08 19.05
N GLY B 72 12.18 20.23 19.71
CA GLY B 72 11.29 21.29 19.30
C GLY B 72 9.93 21.11 19.94
N VAL B 73 9.82 20.12 20.84
CA VAL B 73 8.59 19.87 21.58
C VAL B 73 8.94 19.54 23.02
N ASP B 74 8.05 19.91 23.95
CA ASP B 74 8.28 19.70 25.38
C ASP B 74 7.25 18.79 26.05
N PRO B 75 7.57 17.51 26.14
CA PRO B 75 6.65 16.54 26.74
C PRO B 75 6.37 16.82 28.19
N TRP B 76 7.30 17.50 28.87
CA TRP B 76 7.16 17.80 30.28
C TRP B 76 6.43 19.13 30.53
N HIS B 77 6.30 19.95 29.48
CA HIS B 77 5.55 21.20 29.59
C HIS B 77 4.32 21.22 28.65
N ASN B 78 3.51 20.18 28.77
CA ASN B 78 2.26 20.07 28.02
C ASN B 78 2.40 20.29 26.52
N TRP B 79 3.47 19.75 25.93
CA TRP B 79 3.61 19.72 24.50
C TRP B 79 3.75 21.06 23.78
N GLU B 80 4.24 22.07 24.50
CA GLU B 80 4.59 23.34 23.89
C GLU B 80 5.56 23.03 22.78
N ALA B 81 5.37 23.64 21.63
CA ALA B 81 6.22 23.37 20.50
C ALA B 81 6.87 24.65 20.00
N HIS B 82 8.00 24.48 19.34
CA HIS B 82 8.71 25.58 18.73
C HIS B 82 8.86 25.27 17.26
N TYR B 83 7.85 25.67 16.51
CA TYR B 83 7.86 25.49 15.07
C TYR B 83 8.75 26.58 14.51
N GLU B 84 9.54 26.22 13.51
CA GLU B 84 10.46 27.18 12.92
C GLU B 84 10.27 27.12 11.43
N VAL B 85 10.36 28.26 10.77
CA VAL B 85 10.27 28.27 9.34
C VAL B 85 11.43 27.44 8.80
N LEU B 86 11.14 26.65 7.77
CA LEU B 86 12.14 25.76 7.20
C LEU B 86 13.30 26.50 6.54
N PRO B 87 14.49 25.92 6.65
CA PRO B 87 15.68 26.50 6.02
C PRO B 87 15.40 26.94 4.59
N GLY B 88 15.65 28.22 4.30
CA GLY B 88 15.49 28.73 2.95
C GLY B 88 14.09 29.09 2.48
N LYS B 89 13.11 29.03 3.37
CA LYS B 89 11.73 29.37 3.00
C LYS B 89 11.36 30.81 3.34
N GLU B 90 12.27 31.55 3.97
CA GLU B 90 12.00 32.92 4.38
C GLU B 90 11.40 33.79 3.27
N LYS B 91 11.95 33.69 2.06
CA LYS B 91 11.53 34.54 0.96
C LYS B 91 10.09 34.25 0.49
N VAL B 92 9.68 32.99 0.47
CA VAL B 92 8.31 32.69 0.05
C VAL B 92 7.33 33.19 1.11
N VAL B 93 7.72 33.06 2.38
CA VAL B 93 6.88 33.54 3.47
C VAL B 93 6.65 35.04 3.27
N SER B 94 7.71 35.78 2.97
CA SER B 94 7.59 37.20 2.68
C SER B 94 6.69 37.41 1.46
N GLU B 95 6.95 36.67 0.38
CA GLU B 95 6.11 36.75 -0.81
C GLU B 95 4.65 36.54 -0.43
N LEU B 96 4.41 35.54 0.43
CA LEU B 96 3.05 35.20 0.83
C LEU B 96 2.40 36.28 1.70
N LYS B 97 3.12 36.76 2.71
CA LYS B 97 2.60 37.80 3.58
C LYS B 97 2.27 39.03 2.74
N GLN B 98 3.17 39.35 1.82
CA GLN B 98 3.00 40.54 0.99
C GLN B 98 1.77 40.38 0.09
N LEU B 99 1.53 39.16 -0.37
CA LEU B 99 0.40 38.87 -1.24
C LEU B 99 -0.89 38.81 -0.43
N ALA B 100 -0.76 38.29 0.79
CA ALA B 100 -1.89 38.20 1.71
C ALA B 100 -2.45 39.60 1.99
N GLU B 101 -1.56 40.58 2.12
CA GLU B 101 -1.99 41.96 2.32
C GLU B 101 -3.03 42.36 1.27
N LYS B 102 -2.61 42.32 0.01
CA LYS B 102 -3.46 42.80 -1.10
C LYS B 102 -4.65 41.91 -1.48
N ALA B 103 -5.19 41.17 -0.51
CA ALA B 103 -6.33 40.28 -0.78
C ALA B 103 -7.46 40.48 0.22
N ASP B 104 -8.67 40.16 -0.23
CA ASP B 104 -9.87 40.28 0.60
C ASP B 104 -10.31 38.93 1.21
N HIS B 105 -9.66 37.85 0.77
CA HIS B 105 -9.92 36.52 1.34
C HIS B 105 -8.80 35.56 0.95
N ILE B 106 -8.49 34.62 1.84
CA ILE B 106 -7.45 33.62 1.58
C ILE B 106 -8.07 32.22 1.60
N TYR B 107 -7.91 31.52 0.50
CA TYR B 107 -8.41 30.15 0.36
C TYR B 107 -7.24 29.19 0.48
N LEU B 108 -7.35 28.28 1.44
CA LEU B 108 -6.30 27.29 1.67
C LEU B 108 -6.66 26.04 0.88
N ALA B 109 -5.99 25.85 -0.25
CA ALA B 109 -6.30 24.77 -1.17
C ALA B 109 -5.26 23.65 -1.14
N THR B 110 -4.88 23.23 0.06
CA THR B 110 -3.94 22.12 0.19
C THR B 110 -4.68 20.80 -0.06
N ASP B 111 -3.90 19.73 -0.17
CA ASP B 111 -4.46 18.40 -0.37
C ASP B 111 -5.40 18.02 0.76
N LEU B 112 -6.27 17.06 0.48
CA LEU B 112 -7.37 16.74 1.38
C LEU B 112 -7.04 15.96 2.64
N ASP B 113 -5.83 15.41 2.75
CA ASP B 113 -5.52 14.59 3.92
C ASP B 113 -5.11 15.42 5.16
N ARG B 114 -4.85 14.73 6.26
CA ARG B 114 -4.48 15.41 7.50
C ARG B 114 -3.21 16.22 7.39
N GLU B 115 -2.22 15.71 6.65
CA GLU B 115 -1.00 16.46 6.45
C GLU B 115 -1.34 17.76 5.74
N GLY B 116 -2.21 17.67 4.75
CA GLY B 116 -2.67 18.84 4.02
C GLY B 116 -3.38 19.82 4.93
N GLU B 117 -4.16 19.30 5.87
CA GLU B 117 -4.85 20.19 6.81
C GLU B 117 -3.80 20.95 7.63
N ALA B 118 -2.76 20.25 8.07
CA ALA B 118 -1.72 20.85 8.89
C ALA B 118 -0.91 21.90 8.13
N ILE B 119 -0.63 21.63 6.87
CA ILE B 119 0.07 22.59 6.04
C ILE B 119 -0.77 23.86 5.92
N ALA B 120 -2.08 23.70 5.72
CA ALA B 120 -2.97 24.85 5.63
C ALA B 120 -2.92 25.64 6.92
N TRP B 121 -2.89 24.93 8.04
CA TRP B 121 -2.80 25.53 9.37
C TRP B 121 -1.51 26.32 9.56
N HIS B 122 -0.38 25.71 9.21
CA HIS B 122 0.90 26.41 9.28
C HIS B 122 0.87 27.70 8.46
N LEU B 123 0.28 27.64 7.27
CA LEU B 123 0.16 28.83 6.43
C LEU B 123 -0.66 29.89 7.15
N ARG B 124 -1.79 29.50 7.71
CA ARG B 124 -2.64 30.44 8.40
C ARG B 124 -1.93 31.07 9.58
N GLU B 125 -1.18 30.27 10.33
CA GLU B 125 -0.47 30.77 11.49
C GLU B 125 0.65 31.74 11.11
N VAL B 126 1.45 31.40 10.10
CA VAL B 126 2.56 32.28 9.69
C VAL B 126 2.08 33.58 9.09
N ILE B 127 1.01 33.52 8.31
CA ILE B 127 0.50 34.70 7.64
C ILE B 127 -0.25 35.62 8.61
N GLY B 128 -0.99 35.01 9.54
CA GLY B 128 -1.73 35.76 10.54
C GLY B 128 -3.03 36.35 10.03
N GLY B 129 -3.62 37.25 10.82
CA GLY B 129 -4.88 37.87 10.46
C GLY B 129 -6.02 37.15 11.15
N ASP B 130 -7.24 37.66 10.99
CA ASP B 130 -8.40 37.03 11.60
C ASP B 130 -8.71 35.72 10.90
N ASP B 131 -9.02 34.70 11.68
CA ASP B 131 -9.33 33.40 11.12
C ASP B 131 -10.45 33.50 10.08
N ALA B 132 -11.26 34.55 10.19
CA ALA B 132 -12.34 34.78 9.24
C ALA B 132 -11.84 35.17 7.85
N ARG B 133 -10.57 35.52 7.75
N ARG B 133 -10.56 35.52 7.76
CA ARG B 133 -9.98 35.86 6.46
CA ARG B 133 -9.94 35.84 6.48
C ARG B 133 -9.68 34.59 5.66
C ARG B 133 -9.73 34.58 5.65
N TYR B 134 -9.74 33.43 6.34
CA TYR B 134 -9.45 32.15 5.70
C TYR B 134 -10.59 31.18 5.46
N SER B 135 -10.45 30.42 4.38
CA SER B 135 -11.36 29.33 4.04
C SER B 135 -10.50 28.13 3.66
N ARG B 136 -11.00 26.93 3.93
CA ARG B 136 -10.28 25.71 3.57
C ARG B 136 -11.11 24.99 2.52
N VAL B 137 -10.56 24.85 1.33
CA VAL B 137 -11.26 24.18 0.24
C VAL B 137 -10.71 22.76 0.07
N VAL B 138 -11.60 21.85 -0.31
CA VAL B 138 -11.30 20.43 -0.39
C VAL B 138 -11.82 19.86 -1.70
N PHE B 139 -11.00 19.03 -2.34
CA PHE B 139 -11.40 18.38 -3.58
C PHE B 139 -10.54 17.16 -3.75
N ASN B 140 -11.03 16.15 -4.47
CA ASN B 140 -10.22 14.95 -4.69
C ASN B 140 -9.65 14.87 -6.11
N GLU B 141 -9.90 15.88 -6.94
CA GLU B 141 -9.27 15.95 -8.26
C GLU B 141 -9.29 17.41 -8.75
N ILE B 142 -8.36 17.76 -9.65
CA ILE B 142 -8.27 19.11 -10.13
C ILE B 142 -8.86 19.18 -11.52
N THR B 143 -10.17 19.38 -11.56
CA THR B 143 -10.96 19.50 -12.80
C THR B 143 -11.86 20.74 -12.65
N LYS B 144 -12.46 21.19 -13.76
CA LYS B 144 -13.32 22.40 -13.73
C LYS B 144 -14.40 22.26 -12.68
N ASN B 145 -15.12 21.16 -12.80
CA ASN B 145 -16.26 20.84 -11.98
C ASN B 145 -15.93 20.61 -10.50
N ALA B 146 -14.81 19.95 -10.22
CA ALA B 146 -14.42 19.71 -8.83
C ALA B 146 -13.99 21.02 -8.17
N ILE B 147 -13.26 21.86 -8.89
CA ILE B 147 -12.81 23.12 -8.32
C ILE B 147 -14.03 24.00 -8.11
N ARG B 148 -14.99 23.94 -9.04
CA ARG B 148 -16.21 24.73 -8.91
C ARG B 148 -16.97 24.34 -7.66
N GLN B 149 -17.24 23.05 -7.50
CA GLN B 149 -17.95 22.56 -6.32
C GLN B 149 -17.18 22.93 -5.04
N ALA B 150 -15.87 22.74 -5.06
CA ALA B 150 -15.03 23.02 -3.91
C ALA B 150 -15.08 24.48 -3.46
N PHE B 151 -15.10 25.41 -4.42
CA PHE B 151 -15.12 26.83 -4.09
C PHE B 151 -16.55 27.35 -3.90
N ASN B 152 -17.53 26.59 -4.36
CA ASN B 152 -18.94 26.94 -4.19
C ASN B 152 -19.36 26.68 -2.76
N LYS B 153 -18.64 25.79 -2.11
CA LYS B 153 -18.92 25.40 -0.75
C LYS B 153 -17.62 25.23 0.02
N PRO B 154 -16.98 26.36 0.35
CA PRO B 154 -15.71 26.34 1.07
C PRO B 154 -15.93 26.15 2.57
N GLY B 155 -15.10 25.33 3.19
CA GLY B 155 -15.25 25.05 4.59
C GLY B 155 -14.24 25.82 5.41
N GLU B 156 -14.12 25.42 6.66
CA GLU B 156 -13.20 26.04 7.57
C GLU B 156 -12.15 25.01 7.98
N LEU B 157 -10.99 25.50 8.37
CA LEU B 157 -9.91 24.68 8.85
C LEU B 157 -10.43 23.75 9.95
N ASN B 158 -10.10 22.46 9.87
CA ASN B 158 -10.56 21.50 10.85
C ASN B 158 -9.44 21.27 11.87
N ILE B 159 -9.55 21.90 13.04
CA ILE B 159 -8.48 21.83 14.02
C ILE B 159 -8.27 20.44 14.61
N ASP B 160 -9.31 19.62 14.66
CA ASP B 160 -9.17 18.27 15.17
C ASP B 160 -8.24 17.44 14.28
N ARG B 161 -8.39 17.62 12.97
CA ARG B 161 -7.55 16.93 12.01
C ARG B 161 -6.12 17.49 12.11
N VAL B 162 -5.99 18.80 12.25
CA VAL B 162 -4.66 19.39 12.46
C VAL B 162 -4.02 18.79 13.72
N ASN B 163 -4.78 18.72 14.81
CA ASN B 163 -4.22 18.19 16.06
C ASN B 163 -3.84 16.72 15.96
N ALA B 164 -4.57 15.98 15.15
CA ALA B 164 -4.26 14.58 14.94
C ALA B 164 -2.91 14.45 14.22
N GLN B 165 -2.67 15.36 13.29
N GLN B 165 -2.64 15.36 13.29
CA GLN B 165 -1.40 15.41 12.56
CA GLN B 165 -1.38 15.31 12.57
C GLN B 165 -0.26 15.72 13.52
C GLN B 165 -0.23 15.77 13.47
N GLN B 166 -0.48 16.76 14.33
CA GLN B 166 0.54 17.22 15.28
C GLN B 166 0.87 16.10 16.26
N ALA B 167 -0.17 15.39 16.69
CA ALA B 167 0.03 14.28 17.61
C ALA B 167 0.94 13.23 16.97
N ARG B 168 0.66 12.90 15.73
CA ARG B 168 1.49 11.94 15.00
C ARG B 168 2.91 12.46 14.90
N ARG B 169 3.05 13.71 14.49
CA ARG B 169 4.32 14.37 14.34
C ARG B 169 5.18 14.34 15.60
N PHE B 170 4.59 14.70 16.74
CA PHE B 170 5.29 14.77 18.00
C PHE B 170 5.69 13.39 18.52
N MET B 171 4.81 12.40 18.35
CA MET B 171 5.10 11.04 18.74
C MET B 171 6.29 10.48 17.99
N ASP B 172 6.28 10.69 16.67
CA ASP B 172 7.37 10.24 15.81
C ASP B 172 8.69 10.90 16.22
N ARG B 173 8.61 12.19 16.52
CA ARG B 173 9.76 12.96 16.92
C ARG B 173 10.34 12.46 18.23
N VAL B 174 9.48 12.23 19.22
CA VAL B 174 9.92 11.75 20.52
C VAL B 174 10.63 10.39 20.43
N VAL B 175 10.02 9.44 19.73
CA VAL B 175 10.61 8.12 19.57
C VAL B 175 11.99 8.21 18.90
N GLY B 176 12.04 8.87 17.76
CA GLY B 176 13.26 9.04 17.01
C GLY B 176 14.37 9.68 17.81
N TYR B 177 14.07 10.82 18.42
CA TYR B 177 15.07 11.60 19.12
C TYR B 177 15.40 11.14 20.52
N MET B 178 14.58 10.26 21.10
CA MET B 178 14.87 9.76 22.43
C MET B 178 15.35 8.32 22.39
N VAL B 179 14.91 7.54 21.41
CA VAL B 179 15.39 6.16 21.29
C VAL B 179 16.74 6.10 20.57
N SER B 180 16.91 6.89 19.50
CA SER B 180 18.14 6.85 18.72
C SER B 180 19.43 7.03 19.53
N PRO B 181 19.50 8.02 20.42
CA PRO B 181 20.71 8.23 21.23
C PRO B 181 21.02 7.08 22.16
N LEU B 182 20.01 6.35 22.60
CA LEU B 182 20.24 5.16 23.38
C LEU B 182 20.94 4.11 22.50
N LEU B 183 20.49 3.99 21.25
CA LEU B 183 21.13 3.08 20.31
C LEU B 183 22.60 3.48 20.07
N TRP B 184 22.90 4.77 20.02
CA TRP B 184 24.30 5.22 19.79
C TRP B 184 25.20 4.78 20.94
N LYS B 185 24.67 4.85 22.14
CA LYS B 185 25.40 4.50 23.33
C LYS B 185 25.55 2.99 23.47
N LYS B 186 24.48 2.25 23.18
CA LYS B 186 24.46 0.81 23.39
C LYS B 186 24.91 -0.06 22.20
N ILE B 187 24.70 0.40 20.97
CA ILE B 187 24.94 -0.45 19.83
C ILE B 187 25.95 0.18 18.89
N ALA B 188 25.63 1.34 18.32
CA ALA B 188 26.53 1.99 17.37
C ALA B 188 26.09 3.41 17.00
N ARG B 189 27.05 4.29 16.71
CA ARG B 189 26.71 5.66 16.32
C ARG B 189 25.96 5.67 14.99
N GLY B 190 25.11 6.67 14.82
CA GLY B 190 24.41 6.86 13.58
C GLY B 190 23.17 6.00 13.36
N LEU B 191 22.83 5.14 14.30
CA LEU B 191 21.67 4.27 14.11
C LEU B 191 20.38 5.04 14.36
N SER B 192 19.27 4.47 13.91
CA SER B 192 17.97 5.11 14.09
C SER B 192 16.95 4.11 14.54
N ALA B 193 15.92 4.65 15.19
CA ALA B 193 14.75 3.91 15.60
C ALA B 193 13.59 4.82 15.24
N GLY B 194 12.45 4.24 14.94
CA GLY B 194 11.32 5.04 14.56
C GLY B 194 10.09 4.26 14.88
N ARG B 195 9.06 4.98 15.33
CA ARG B 195 7.81 4.36 15.72
C ARG B 195 7.43 3.36 14.64
N VAL B 196 7.40 3.80 13.38
CA VAL B 196 7.05 2.90 12.28
C VAL B 196 8.24 2.08 11.74
N GLN B 197 9.32 2.75 11.32
CA GLN B 197 10.47 2.07 10.74
C GLN B 197 10.87 0.81 11.52
N SER B 198 10.81 0.84 12.85
CA SER B 198 11.27 -0.31 13.63
C SER B 198 10.33 -1.50 13.52
N VAL B 199 9.03 -1.24 13.45
CA VAL B 199 8.03 -2.30 13.37
C VAL B 199 8.10 -2.92 11.98
N ALA B 200 8.29 -2.08 10.96
CA ALA B 200 8.47 -2.57 9.60
C ALA B 200 9.71 -3.48 9.52
N VAL B 201 10.82 -3.05 10.14
CA VAL B 201 12.03 -3.87 10.12
C VAL B 201 11.75 -5.23 10.81
N ARG B 202 11.04 -5.18 11.93
CA ARG B 202 10.71 -6.39 12.67
C ARG B 202 10.08 -7.45 11.75
N LEU B 203 9.13 -7.01 10.92
CA LEU B 203 8.44 -7.92 9.99
C LEU B 203 9.44 -8.61 9.06
N VAL B 204 10.43 -7.88 8.60
CA VAL B 204 11.42 -8.44 7.70
C VAL B 204 12.37 -9.40 8.40
N VAL B 205 12.75 -9.04 9.64
CA VAL B 205 13.65 -9.86 10.41
C VAL B 205 12.97 -11.20 10.75
N GLU B 206 11.69 -11.14 11.09
CA GLU B 206 10.92 -12.34 11.42
C GLU B 206 10.86 -13.28 10.23
N ARG B 207 10.60 -12.71 9.06
CA ARG B 207 10.54 -13.47 7.82
C ARG B 207 11.90 -14.13 7.54
N GLU B 208 12.98 -13.41 7.82
CA GLU B 208 14.33 -13.92 7.62
C GLU B 208 14.60 -15.14 8.47
N ARG B 209 14.20 -15.07 9.73
CA ARG B 209 14.42 -16.17 10.66
C ARG B 209 13.56 -17.39 10.33
N GLU B 210 12.37 -17.15 9.80
CA GLU B 210 11.50 -18.24 9.38
C GLU B 210 12.17 -19.00 8.25
N ILE B 211 12.69 -18.27 7.29
CA ILE B 211 13.39 -18.86 6.16
C ILE B 211 14.62 -19.64 6.59
N LYS B 212 15.41 -19.07 7.48
CA LYS B 212 16.62 -19.73 7.92
C LYS B 212 16.30 -21.00 8.73
N ALA B 213 15.20 -21.01 9.47
CA ALA B 213 14.84 -22.17 10.28
C ALA B 213 14.12 -23.29 9.49
N PHE B 214 13.60 -22.96 8.31
CA PHE B 214 12.78 -23.92 7.55
C PHE B 214 13.58 -25.13 7.07
N VAL B 215 13.00 -26.30 7.30
CA VAL B 215 13.58 -27.57 6.86
C VAL B 215 12.63 -28.18 5.86
N PRO B 216 13.00 -28.14 4.58
CA PRO B 216 12.14 -28.62 3.50
C PRO B 216 11.85 -30.12 3.58
N GLU B 217 10.66 -30.55 3.15
CA GLU B 217 10.31 -31.98 3.17
C GLU B 217 10.14 -32.52 1.75
N GLU B 218 10.63 -33.74 1.51
CA GLU B 218 10.50 -34.38 0.20
C GLU B 218 9.08 -34.89 -0.01
N PHE B 219 8.53 -34.65 -1.19
CA PHE B 219 7.25 -35.25 -1.56
C PHE B 219 7.25 -35.46 -3.07
N TRP B 220 6.45 -36.43 -3.52
CA TRP B 220 6.42 -36.77 -4.93
C TRP B 220 5.04 -36.65 -5.54
N GLU B 221 5.01 -36.40 -6.83
CA GLU B 221 3.75 -36.35 -7.59
C GLU B 221 3.89 -37.30 -8.77
N VAL B 222 2.77 -37.81 -9.27
CA VAL B 222 2.76 -38.67 -10.44
C VAL B 222 1.69 -38.17 -11.39
N ASP B 223 2.08 -37.95 -12.64
CA ASP B 223 1.17 -37.56 -13.70
C ASP B 223 1.06 -38.70 -14.69
N ALA B 224 -0.09 -38.80 -15.36
CA ALA B 224 -0.30 -39.86 -16.33
C ALA B 224 -0.81 -39.25 -17.62
N SER B 225 -0.21 -39.67 -18.73
CA SER B 225 -0.67 -39.25 -20.04
C SER B 225 -1.48 -40.42 -20.57
N THR B 226 -2.68 -40.15 -21.06
CA THR B 226 -3.53 -41.21 -21.59
C THR B 226 -4.16 -40.78 -22.89
N THR B 227 -4.89 -41.70 -23.52
CA THR B 227 -5.66 -41.36 -24.70
C THR B 227 -7.12 -41.75 -24.46
N THR B 228 -8.03 -40.97 -25.02
CA THR B 228 -9.46 -41.24 -24.92
C THR B 228 -9.78 -42.26 -25.98
N PRO B 229 -11.02 -42.74 -26.01
CA PRO B 229 -11.44 -43.68 -27.06
C PRO B 229 -11.28 -43.08 -28.46
N SER B 230 -11.42 -41.77 -28.60
CA SER B 230 -11.28 -41.11 -29.89
C SER B 230 -9.81 -40.91 -30.27
N GLY B 231 -8.91 -41.14 -29.32
CA GLY B 231 -7.48 -41.05 -29.58
C GLY B 231 -6.83 -39.76 -29.13
N GLU B 232 -7.60 -38.87 -28.52
CA GLU B 232 -7.07 -37.60 -28.04
C GLU B 232 -6.34 -37.74 -26.72
N ALA B 233 -5.33 -36.89 -26.51
CA ALA B 233 -4.52 -36.89 -25.31
C ALA B 233 -5.25 -36.31 -24.11
N LEU B 234 -5.10 -36.98 -22.97
CA LEU B 234 -5.68 -36.54 -21.72
C LEU B 234 -4.58 -36.70 -20.68
N ALA B 235 -4.15 -35.58 -20.09
CA ALA B 235 -3.15 -35.58 -19.05
C ALA B 235 -3.84 -35.55 -17.69
N LEU B 236 -3.46 -36.46 -16.80
CA LEU B 236 -4.09 -36.55 -15.49
C LEU B 236 -3.05 -36.45 -14.39
N GLN B 237 -3.48 -36.03 -13.20
CA GLN B 237 -2.63 -36.04 -12.02
C GLN B 237 -3.20 -37.05 -11.02
N VAL B 238 -2.35 -37.89 -10.43
CA VAL B 238 -2.82 -38.86 -9.44
C VAL B 238 -3.15 -38.11 -8.16
N THR B 239 -4.36 -38.28 -7.63
CA THR B 239 -4.77 -37.52 -6.45
C THR B 239 -4.98 -38.35 -5.20
N HIS B 240 -5.47 -39.58 -5.37
CA HIS B 240 -5.72 -40.47 -4.26
C HIS B 240 -5.27 -41.90 -4.56
N GLN B 241 -4.92 -42.63 -3.49
CA GLN B 241 -4.64 -44.05 -3.54
C GLN B 241 -5.42 -44.64 -2.36
N ASN B 242 -6.26 -45.64 -2.61
CA ASN B 242 -7.13 -46.21 -1.58
C ASN B 242 -8.02 -45.20 -0.88
N ASP B 243 -8.35 -44.12 -1.58
CA ASP B 243 -9.23 -43.09 -1.05
C ASP B 243 -8.54 -42.18 -0.03
N LYS B 244 -7.22 -42.12 -0.05
CA LYS B 244 -6.48 -41.19 0.79
C LYS B 244 -5.62 -40.36 -0.14
N PRO B 245 -5.34 -39.11 0.22
CA PRO B 245 -4.56 -38.23 -0.64
C PRO B 245 -3.25 -38.89 -1.02
N PHE B 246 -2.86 -38.77 -2.28
CA PHE B 246 -1.65 -39.40 -2.79
C PHE B 246 -0.47 -38.48 -2.58
N ARG B 247 0.45 -38.88 -1.72
CA ARG B 247 1.63 -38.07 -1.45
C ARG B 247 2.75 -38.95 -0.91
N PRO B 248 3.42 -39.66 -1.81
CA PRO B 248 4.59 -40.45 -1.43
C PRO B 248 5.69 -39.52 -0.99
N VAL B 249 6.53 -39.96 -0.06
CA VAL B 249 7.61 -39.10 0.45
C VAL B 249 9.03 -39.45 -0.03
N ASN B 250 9.18 -40.56 -0.76
CA ASN B 250 10.49 -40.96 -1.27
C ASN B 250 10.37 -41.73 -2.59
N LYS B 251 11.51 -42.09 -3.19
CA LYS B 251 11.54 -42.72 -4.51
C LYS B 251 10.98 -44.14 -4.52
N GLU B 252 11.26 -44.89 -3.46
CA GLU B 252 10.79 -46.27 -3.33
C GLU B 252 9.27 -46.31 -3.45
N GLN B 253 8.61 -45.47 -2.67
CA GLN B 253 7.15 -45.41 -2.59
C GLN B 253 6.53 -44.99 -3.93
N THR B 254 7.18 -44.05 -4.60
CA THR B 254 6.71 -43.60 -5.90
C THR B 254 6.77 -44.72 -6.92
N GLN B 255 7.87 -45.44 -6.91
CA GLN B 255 8.08 -46.52 -7.87
C GLN B 255 7.10 -47.67 -7.60
N ALA B 256 6.80 -47.95 -6.34
CA ALA B 256 5.82 -48.98 -6.03
C ALA B 256 4.46 -48.57 -6.57
N ALA B 257 4.14 -47.29 -6.49
CA ALA B 257 2.86 -46.82 -6.98
C ALA B 257 2.83 -46.86 -8.51
N VAL B 258 3.92 -46.43 -9.14
CA VAL B 258 4.01 -46.44 -10.59
C VAL B 258 3.79 -47.86 -11.13
N SER B 259 4.34 -48.83 -10.42
CA SER B 259 4.22 -50.23 -10.79
C SER B 259 2.77 -50.66 -10.92
N LEU B 260 1.95 -50.26 -9.97
CA LEU B 260 0.55 -50.58 -9.99
C LEU B 260 -0.16 -49.80 -11.09
N LEU B 261 0.17 -48.52 -11.19
CA LEU B 261 -0.48 -47.66 -12.16
C LEU B 261 -0.19 -48.12 -13.57
N GLU B 262 0.99 -48.68 -13.79
CA GLU B 262 1.34 -49.21 -15.10
C GLU B 262 0.38 -50.33 -15.57
N LYS B 263 -0.12 -51.13 -14.63
CA LYS B 263 -0.94 -52.30 -14.98
C LYS B 263 -2.45 -52.06 -14.90
N ALA B 264 -2.86 -50.92 -14.33
CA ALA B 264 -4.27 -50.68 -14.05
C ALA B 264 -5.09 -50.37 -15.28
N ARG B 265 -6.39 -50.60 -15.17
CA ARG B 265 -7.33 -50.22 -16.22
C ARG B 265 -7.84 -48.84 -15.86
N TYR B 266 -7.81 -47.92 -16.81
CA TYR B 266 -8.23 -46.55 -16.56
C TYR B 266 -9.61 -46.27 -17.14
N SER B 267 -10.47 -45.64 -16.34
CA SER B 267 -11.80 -45.28 -16.81
C SER B 267 -12.29 -43.99 -16.17
N VAL B 268 -13.21 -43.30 -16.84
CA VAL B 268 -13.74 -42.03 -16.34
C VAL B 268 -14.87 -42.27 -15.31
N LEU B 269 -14.63 -41.87 -14.08
CA LEU B 269 -15.61 -42.06 -13.02
C LEU B 269 -16.69 -40.99 -13.07
N GLU B 270 -16.30 -39.79 -13.49
CA GLU B 270 -17.20 -38.66 -13.47
C GLU B 270 -16.68 -37.53 -14.33
N ARG B 271 -17.62 -36.84 -14.98
CA ARG B 271 -17.30 -35.63 -15.70
C ARG B 271 -18.24 -34.60 -15.11
N GLU B 272 -17.65 -33.56 -14.51
CA GLU B 272 -18.43 -32.51 -13.88
C GLU B 272 -18.27 -31.21 -14.67
N ASP B 273 -19.36 -30.74 -15.25
CA ASP B 273 -19.36 -29.50 -16.01
C ASP B 273 -20.09 -28.41 -15.26
N LYS B 274 -19.43 -27.27 -15.08
CA LYS B 274 -20.10 -26.14 -14.46
C LYS B 274 -19.64 -24.85 -15.09
N PRO B 275 -20.53 -23.87 -15.18
CA PRO B 275 -20.15 -22.53 -15.61
C PRO B 275 -19.42 -21.83 -14.46
N THR B 276 -18.36 -21.10 -14.76
CA THR B 276 -17.66 -20.32 -13.75
C THR B 276 -17.46 -18.89 -14.27
N THR B 277 -17.07 -17.98 -13.38
CA THR B 277 -16.83 -16.60 -13.78
C THR B 277 -15.60 -16.07 -13.09
N SER B 278 -15.08 -14.96 -13.60
CA SER B 278 -13.99 -14.27 -12.96
C SER B 278 -14.43 -12.81 -12.92
N LYS B 279 -14.21 -12.18 -11.78
CA LYS B 279 -14.64 -10.82 -11.57
C LYS B 279 -13.46 -9.89 -11.67
N PRO B 280 -13.69 -8.66 -12.13
CA PRO B 280 -12.64 -7.67 -12.16
C PRO B 280 -12.40 -7.21 -10.73
N GLY B 281 -11.21 -6.70 -10.46
CA GLY B 281 -10.93 -6.16 -9.14
C GLY B 281 -11.58 -4.80 -8.88
N ALA B 282 -11.58 -4.38 -7.61
CA ALA B 282 -12.05 -3.06 -7.26
C ALA B 282 -11.11 -2.05 -7.93
N PRO B 283 -11.52 -0.80 -8.02
CA PRO B 283 -10.59 0.23 -8.48
C PRO B 283 -9.48 0.38 -7.46
N PHE B 284 -8.33 0.90 -7.90
CA PHE B 284 -7.20 1.03 -7.00
C PHE B 284 -7.38 1.97 -5.80
N ILE B 285 -6.71 1.59 -4.72
CA ILE B 285 -6.47 2.49 -3.60
C ILE B 285 -4.94 2.59 -3.53
N THR B 286 -4.39 3.37 -2.62
CA THR B 286 -2.95 3.53 -2.57
C THR B 286 -2.20 2.20 -2.47
N SER B 287 -2.62 1.33 -1.56
CA SER B 287 -1.88 0.08 -1.36
C SER B 287 -1.97 -0.85 -2.56
N THR B 288 -3.14 -0.98 -3.15
CA THR B 288 -3.28 -1.89 -4.27
C THR B 288 -2.61 -1.34 -5.53
N LEU B 289 -2.52 -0.02 -5.66
CA LEU B 289 -1.85 0.56 -6.81
C LEU B 289 -0.36 0.23 -6.71
N GLN B 290 0.20 0.42 -5.53
CA GLN B 290 1.60 0.11 -5.29
C GLN B 290 1.86 -1.35 -5.62
N GLN B 291 0.97 -2.25 -5.20
CA GLN B 291 1.16 -3.67 -5.45
C GLN B 291 1.09 -4.01 -6.94
N ALA B 292 0.07 -3.50 -7.63
CA ALA B 292 -0.09 -3.78 -9.06
C ALA B 292 1.00 -3.14 -9.90
N ALA B 293 1.43 -1.93 -9.55
CA ALA B 293 2.49 -1.28 -10.33
C ALA B 293 3.77 -2.08 -10.18
N SER B 294 3.97 -2.66 -9.01
CA SER B 294 5.15 -3.46 -8.75
C SER B 294 5.14 -4.77 -9.51
N THR B 295 4.09 -5.56 -9.32
CA THR B 295 3.97 -6.87 -9.94
C THR B 295 3.80 -6.79 -11.47
N ARG B 296 3.03 -5.81 -11.95
CA ARG B 296 2.76 -5.73 -13.38
C ARG B 296 3.74 -4.85 -14.17
N LEU B 297 4.23 -3.77 -13.58
CA LEU B 297 5.11 -2.87 -14.33
C LEU B 297 6.55 -2.89 -13.81
N GLY B 298 6.78 -3.51 -12.66
CA GLY B 298 8.10 -3.59 -12.07
C GLY B 298 8.53 -2.28 -11.46
N PHE B 299 7.56 -1.43 -11.12
CA PHE B 299 7.89 -0.13 -10.53
C PHE B 299 8.03 -0.26 -9.02
N GLY B 300 9.04 0.42 -8.48
CA GLY B 300 9.21 0.49 -7.03
C GLY B 300 8.12 1.39 -6.44
N VAL B 301 7.84 1.20 -5.16
CA VAL B 301 6.83 1.98 -4.47
C VAL B 301 7.05 3.49 -4.58
N LYS B 302 8.30 3.93 -4.45
CA LYS B 302 8.65 5.33 -4.56
C LYS B 302 8.33 5.90 -5.95
N LYS B 303 8.82 5.23 -6.98
CA LYS B 303 8.55 5.66 -8.35
C LYS B 303 7.05 5.84 -8.53
N THR B 304 6.32 4.81 -8.17
CA THR B 304 4.86 4.81 -8.33
C THR B 304 4.19 6.02 -7.69
N MET B 305 4.55 6.27 -6.43
CA MET B 305 3.91 7.36 -5.70
C MET B 305 4.33 8.71 -6.24
N MET B 306 5.57 8.80 -6.71
CA MET B 306 6.02 10.07 -7.31
C MET B 306 5.27 10.32 -8.59
N MET B 307 5.09 9.29 -9.41
CA MET B 307 4.38 9.50 -10.64
C MET B 307 2.90 9.75 -10.42
N ALA B 308 2.34 9.07 -9.44
CA ALA B 308 0.92 9.24 -9.13
C ALA B 308 0.65 10.66 -8.70
N GLN B 309 1.56 11.20 -7.90
CA GLN B 309 1.44 12.58 -7.47
C GLN B 309 1.51 13.53 -8.65
N ARG B 310 2.42 13.29 -9.57
CA ARG B 310 2.50 14.17 -10.75
C ARG B 310 1.21 14.06 -11.56
N LEU B 311 0.65 12.87 -11.69
CA LEU B 311 -0.57 12.71 -12.46
C LEU B 311 -1.71 13.47 -11.80
N TYR B 312 -1.74 13.41 -10.47
CA TYR B 312 -2.80 14.07 -9.71
C TYR B 312 -2.67 15.61 -9.80
N GLU B 313 -1.46 16.12 -9.61
CA GLU B 313 -1.24 17.56 -9.64
C GLU B 313 -1.46 18.10 -11.06
N ALA B 314 -1.38 17.24 -12.06
CA ALA B 314 -1.59 17.63 -13.45
C ALA B 314 -3.07 17.55 -13.83
N GLY B 315 -3.90 17.02 -12.94
CA GLY B 315 -5.33 16.96 -13.14
C GLY B 315 -5.85 15.72 -13.84
N TYR B 316 -5.02 14.68 -13.96
CA TYR B 316 -5.37 13.48 -14.69
C TYR B 316 -5.99 12.35 -13.89
N ILE B 317 -5.75 12.33 -12.59
CA ILE B 317 -6.33 11.31 -11.72
C ILE B 317 -6.76 11.92 -10.41
N THR B 318 -7.56 11.17 -9.67
CA THR B 318 -7.97 11.60 -8.35
C THR B 318 -6.83 11.47 -7.37
N TYR B 319 -7.04 12.02 -6.18
CA TYR B 319 -5.99 12.02 -5.15
C TYR B 319 -5.44 10.61 -4.86
N MET B 320 -4.12 10.51 -4.72
CA MET B 320 -3.46 9.22 -4.70
C MET B 320 -3.23 8.63 -3.31
N ARG B 321 -3.67 9.33 -2.27
CA ARG B 321 -3.58 8.83 -0.89
C ARG B 321 -4.99 8.53 -0.45
N THR B 322 -5.40 7.27 -0.55
CA THR B 322 -6.79 6.93 -0.24
C THR B 322 -6.93 5.47 0.13
N ASP B 323 -7.92 5.14 0.94
N ASP B 323 -7.94 5.15 0.93
CA ASP B 323 -8.16 3.74 1.25
CA ASP B 323 -8.18 3.77 1.27
C ASP B 323 -9.58 3.40 0.89
C ASP B 323 -9.58 3.38 0.86
N SER B 324 -10.27 4.31 0.20
CA SER B 324 -11.65 4.10 -0.21
C SER B 324 -11.74 3.59 -1.63
N THR B 325 -12.61 2.62 -1.83
CA THR B 325 -12.87 2.10 -3.18
C THR B 325 -14.13 2.70 -3.76
N ASN B 326 -14.67 3.74 -3.11
CA ASN B 326 -15.88 4.44 -3.59
C ASN B 326 -15.67 5.20 -4.87
N LEU B 327 -16.73 5.28 -5.65
CA LEU B 327 -16.73 6.00 -6.91
C LEU B 327 -17.95 6.93 -6.95
N SER B 328 -17.73 8.18 -7.33
CA SER B 328 -18.83 9.14 -7.39
C SER B 328 -19.82 8.70 -8.44
N GLN B 329 -21.04 9.27 -8.35
CA GLN B 329 -22.06 8.90 -9.31
C GLN B 329 -21.69 9.37 -10.71
N ASP B 330 -21.09 10.56 -10.78
CA ASP B 330 -20.69 11.11 -12.06
C ASP B 330 -19.58 10.25 -12.69
N ALA B 331 -18.68 9.74 -11.86
CA ALA B 331 -17.55 8.94 -12.36
C ALA B 331 -18.07 7.63 -12.92
N VAL B 332 -19.02 7.02 -12.21
CA VAL B 332 -19.63 5.78 -12.65
C VAL B 332 -20.42 6.01 -13.92
N ASN B 333 -21.17 7.11 -13.98
CA ASN B 333 -21.90 7.44 -15.20
C ASN B 333 -20.97 7.54 -16.38
N MET B 334 -19.89 8.31 -16.22
CA MET B 334 -18.96 8.51 -17.30
C MET B 334 -18.40 7.19 -17.79
N VAL B 335 -18.03 6.28 -16.89
CA VAL B 335 -17.37 5.06 -17.34
C VAL B 335 -18.37 4.08 -17.97
N ARG B 336 -19.57 4.00 -17.42
CA ARG B 336 -20.61 3.17 -18.04
C ARG B 336 -20.92 3.66 -19.46
N GLY B 337 -20.93 4.97 -19.65
CA GLY B 337 -21.12 5.55 -20.97
C GLY B 337 -20.02 5.11 -21.92
N TYR B 338 -18.79 5.13 -21.43
CA TYR B 338 -17.63 4.69 -22.22
C TYR B 338 -17.77 3.22 -22.60
N ILE B 339 -18.08 2.38 -21.62
CA ILE B 339 -18.28 0.96 -21.88
C ILE B 339 -19.40 0.73 -22.89
N SER B 340 -20.52 1.42 -22.74
CA SER B 340 -21.61 1.19 -23.66
C SER B 340 -21.18 1.56 -25.09
N ASP B 341 -20.52 2.69 -25.25
CA ASP B 341 -20.11 3.16 -26.56
C ASP B 341 -18.99 2.36 -27.21
N ASN B 342 -18.07 1.90 -26.39
CA ASN B 342 -16.83 1.32 -26.89
C ASN B 342 -16.67 -0.19 -26.78
N PHE B 343 -17.56 -0.83 -26.02
CA PHE B 343 -17.55 -2.30 -25.88
C PHE B 343 -18.92 -2.93 -26.13
N GLY B 344 -19.99 -2.26 -25.72
CA GLY B 344 -21.33 -2.74 -26.01
C GLY B 344 -22.07 -3.23 -24.78
N LYS B 345 -23.35 -3.54 -25.01
CA LYS B 345 -24.31 -3.92 -23.97
C LYS B 345 -23.86 -5.12 -23.14
N LYS B 346 -23.29 -6.11 -23.80
CA LYS B 346 -22.86 -7.32 -23.11
C LYS B 346 -21.83 -7.04 -22.03
N TYR B 347 -21.13 -5.91 -22.12
CA TYR B 347 -20.08 -5.59 -21.17
C TYR B 347 -20.54 -4.72 -20.02
N LEU B 348 -21.81 -4.32 -20.05
CA LEU B 348 -22.35 -3.37 -19.08
C LEU B 348 -23.24 -4.10 -18.09
N PRO B 349 -22.87 -4.14 -16.82
CA PRO B 349 -23.75 -4.78 -15.83
C PRO B 349 -25.09 -4.05 -15.73
N GLU B 350 -26.09 -4.75 -15.21
CA GLU B 350 -27.41 -4.16 -15.07
C GLU B 350 -27.37 -2.85 -14.30
N SER B 351 -26.70 -2.89 -13.15
CA SER B 351 -26.50 -1.73 -12.30
C SER B 351 -25.01 -1.56 -12.01
N PRO B 352 -24.58 -0.35 -11.70
CA PRO B 352 -23.17 -0.09 -11.36
C PRO B 352 -22.63 -1.01 -10.29
N ASN B 353 -21.37 -1.41 -10.43
CA ASN B 353 -20.70 -2.20 -9.42
C ASN B 353 -20.25 -1.25 -8.31
N GLN B 354 -20.70 -1.55 -7.09
CA GLN B 354 -20.28 -0.76 -5.94
C GLN B 354 -19.30 -1.59 -5.10
N TYR B 355 -18.14 -1.01 -4.77
CA TYR B 355 -17.05 -1.73 -4.09
C TYR B 355 -16.74 -1.25 -2.66
N ALA B 356 -17.43 -0.23 -2.18
CA ALA B 356 -17.08 0.40 -0.91
C ALA B 356 -17.04 -0.53 0.33
N SER B 357 -16.93 0.11 1.50
CA SER B 357 -16.93 -0.54 2.81
C SER B 357 -16.99 -2.07 2.78
N GLU B 363 -14.36 8.84 2.97
CA GLU B 363 -15.73 9.05 3.43
C GLU B 363 -16.50 9.81 2.35
N ALA B 364 -15.93 10.91 1.86
CA ALA B 364 -16.39 11.53 0.63
C ALA B 364 -15.23 11.23 -0.32
N ARG B 365 -14.31 10.46 0.23
CA ARG B 365 -13.10 10.00 -0.43
C ARG B 365 -13.44 9.08 -1.59
N GLU B 366 -12.50 8.95 -2.49
CA GLU B 366 -12.73 8.12 -3.67
C GLU B 366 -11.49 7.31 -3.96
N ALA B 367 -11.68 6.25 -4.72
CA ALA B 367 -10.57 5.46 -5.21
C ALA B 367 -9.72 6.29 -6.18
N ILE B 368 -8.58 5.70 -6.54
CA ILE B 368 -7.64 6.24 -7.51
C ILE B 368 -8.18 5.91 -8.89
N ARG B 369 -8.56 6.93 -9.64
CA ARG B 369 -9.17 6.73 -10.95
C ARG B 369 -8.87 7.90 -11.88
N PRO B 370 -9.04 7.71 -13.18
CA PRO B 370 -8.85 8.82 -14.10
C PRO B 370 -9.87 9.91 -13.84
N SER B 371 -9.45 11.16 -13.99
N SER B 371 -9.45 11.16 -13.98
CA SER B 371 -10.36 12.29 -13.81
CA SER B 371 -10.36 12.28 -13.80
C SER B 371 -11.33 12.37 -14.98
C SER B 371 -11.34 12.36 -14.97
N ASP B 372 -10.88 11.93 -16.14
CA ASP B 372 -11.69 11.94 -17.37
C ASP B 372 -11.46 10.66 -18.15
N VAL B 373 -12.47 9.80 -18.17
CA VAL B 373 -12.35 8.51 -18.87
C VAL B 373 -12.05 8.59 -20.36
N ASN B 374 -12.32 9.72 -21.00
CA ASN B 374 -12.07 9.87 -22.42
C ASN B 374 -10.65 10.37 -22.71
N VAL B 375 -9.89 10.61 -21.64
CA VAL B 375 -8.48 10.95 -21.78
C VAL B 375 -7.69 9.66 -21.73
N MET B 376 -7.01 9.36 -22.83
CA MET B 376 -6.18 8.16 -22.93
C MET B 376 -4.77 8.46 -22.51
N ALA B 377 -4.08 7.44 -22.00
CA ALA B 377 -2.70 7.54 -21.55
C ALA B 377 -1.83 8.17 -22.64
N GLU B 378 -2.14 7.83 -23.89
CA GLU B 378 -1.39 8.31 -25.05
C GLU B 378 -1.54 9.82 -25.26
N SER B 379 -2.60 10.41 -24.75
CA SER B 379 -2.82 11.83 -24.92
C SER B 379 -2.23 12.69 -23.80
N LEU B 380 -1.52 12.08 -22.86
CA LEU B 380 -1.05 12.83 -21.70
C LEU B 380 0.06 13.82 -22.03
N LYS B 381 -0.13 15.04 -21.54
CA LYS B 381 0.78 16.14 -21.78
C LYS B 381 1.82 16.26 -20.67
N ASP B 382 3.07 16.27 -21.09
CA ASP B 382 4.19 16.50 -20.18
C ASP B 382 4.42 15.40 -19.15
N MET B 383 4.03 14.17 -19.49
CA MET B 383 4.24 13.03 -18.62
C MET B 383 5.18 12.06 -19.31
N GLU B 384 6.16 11.57 -18.58
CA GLU B 384 7.09 10.61 -19.15
C GLU B 384 6.36 9.32 -19.48
N ALA B 385 7.04 8.45 -20.21
CA ALA B 385 6.46 7.20 -20.66
C ALA B 385 6.02 6.35 -19.47
N ASP B 386 6.86 6.24 -18.44
CA ASP B 386 6.49 5.43 -17.29
C ASP B 386 5.25 5.96 -16.57
N ALA B 387 5.09 7.29 -16.51
CA ALA B 387 3.90 7.89 -15.95
C ALA B 387 2.66 7.56 -16.80
N GLN B 388 2.81 7.55 -18.12
CA GLN B 388 1.72 7.18 -18.99
C GLN B 388 1.34 5.71 -18.73
N LYS B 389 2.35 4.86 -18.52
CA LYS B 389 2.12 3.46 -18.23
C LYS B 389 1.34 3.30 -16.90
N LEU B 390 1.63 4.13 -15.93
CA LEU B 390 0.90 4.06 -14.68
C LEU B 390 -0.55 4.54 -14.89
N TYR B 391 -0.71 5.62 -15.66
CA TYR B 391 -2.03 6.11 -15.95
C TYR B 391 -2.85 5.01 -16.62
N GLN B 392 -2.23 4.32 -17.57
CA GLN B 392 -2.90 3.22 -18.26
C GLN B 392 -3.33 2.14 -17.29
N LEU B 393 -2.44 1.81 -16.36
CA LEU B 393 -2.74 0.78 -15.35
C LEU B 393 -4.00 1.18 -14.55
N ILE B 394 -4.02 2.43 -14.09
CA ILE B 394 -5.17 3.01 -13.35
C ILE B 394 -6.45 3.05 -14.19
N TRP B 395 -6.32 3.45 -15.46
CA TRP B 395 -7.45 3.58 -16.36
C TRP B 395 -8.10 2.21 -16.66
N ARG B 396 -7.27 1.23 -16.98
CA ARG B 396 -7.75 -0.09 -17.29
C ARG B 396 -8.44 -0.71 -16.08
N GLN B 397 -7.89 -0.49 -14.90
CA GLN B 397 -8.49 -1.04 -13.69
C GLN B 397 -9.84 -0.41 -13.42
N PHE B 398 -9.93 0.90 -13.61
CA PHE B 398 -11.16 1.65 -13.43
C PHE B 398 -12.24 1.25 -14.43
N VAL B 399 -11.91 1.14 -15.71
CA VAL B 399 -12.89 0.70 -16.70
C VAL B 399 -13.33 -0.75 -16.44
N ALA B 400 -12.38 -1.64 -16.17
CA ALA B 400 -12.67 -3.04 -15.94
C ALA B 400 -13.58 -3.23 -14.71
N CYS B 401 -13.40 -2.41 -13.69
CA CYS B 401 -14.16 -2.61 -12.45
C CYS B 401 -15.66 -2.39 -12.67
N GLN B 402 -16.02 -1.72 -13.74
CA GLN B 402 -17.42 -1.50 -14.07
C GLN B 402 -17.93 -2.36 -15.22
N MET B 403 -17.16 -3.36 -15.62
CA MET B 403 -17.58 -4.25 -16.68
C MET B 403 -18.09 -5.58 -16.11
N THR B 404 -18.73 -6.36 -16.97
CA THR B 404 -19.24 -7.67 -16.56
C THR B 404 -18.17 -8.74 -16.38
N PRO B 405 -18.51 -9.76 -15.61
CA PRO B 405 -17.61 -10.89 -15.40
C PRO B 405 -17.34 -11.65 -16.67
N ALA B 406 -16.15 -12.22 -16.73
CA ALA B 406 -15.81 -13.12 -17.77
C ALA B 406 -16.50 -14.43 -17.40
N LYS B 407 -16.93 -15.17 -18.40
CA LYS B 407 -17.63 -16.43 -18.23
C LYS B 407 -16.83 -17.57 -18.84
N TYR B 408 -16.72 -18.66 -18.09
CA TYR B 408 -16.01 -19.83 -18.52
C TYR B 408 -16.86 -21.07 -18.36
N ASP B 409 -16.55 -22.07 -19.18
CA ASP B 409 -17.10 -23.40 -19.06
C ASP B 409 -15.95 -24.27 -18.53
N SER B 410 -16.01 -24.56 -17.24
CA SER B 410 -14.99 -25.33 -16.56
C SER B 410 -15.36 -26.80 -16.59
N THR B 411 -14.37 -27.68 -16.55
CA THR B 411 -14.62 -29.11 -16.52
C THR B 411 -13.67 -29.79 -15.56
N THR B 412 -14.17 -30.71 -14.75
CA THR B 412 -13.31 -31.54 -13.94
C THR B 412 -13.61 -32.99 -14.29
N LEU B 413 -12.57 -33.75 -14.61
CA LEU B 413 -12.71 -35.17 -14.92
C LEU B 413 -12.10 -35.95 -13.77
N THR B 414 -12.85 -36.91 -13.25
CA THR B 414 -12.31 -37.83 -12.26
C THR B 414 -12.17 -39.21 -12.92
N VAL B 415 -11.00 -39.80 -12.77
CA VAL B 415 -10.66 -41.05 -13.43
C VAL B 415 -10.24 -42.04 -12.38
N GLY B 416 -10.64 -43.30 -12.57
CA GLY B 416 -10.27 -44.36 -11.68
C GLY B 416 -9.33 -45.34 -12.36
N ALA B 417 -8.36 -45.82 -11.61
CA ALA B 417 -7.38 -46.78 -12.11
C ALA B 417 -7.03 -47.68 -10.94
N GLY B 418 -7.65 -48.86 -10.91
CA GLY B 418 -7.49 -49.76 -9.79
C GLY B 418 -7.79 -49.00 -8.51
N ASP B 419 -6.86 -49.01 -7.57
CA ASP B 419 -7.05 -48.31 -6.32
C ASP B 419 -6.74 -46.83 -6.36
N PHE B 420 -6.43 -46.28 -7.52
CA PHE B 420 -6.04 -44.89 -7.62
C PHE B 420 -7.14 -44.01 -8.22
N ARG B 421 -7.10 -42.73 -7.85
CA ARG B 421 -8.00 -41.71 -8.39
C ARG B 421 -7.10 -40.65 -9.02
N LEU B 422 -7.48 -40.21 -10.21
CA LEU B 422 -6.74 -39.23 -10.98
C LEU B 422 -7.70 -38.09 -11.37
N LYS B 423 -7.16 -36.89 -11.55
CA LYS B 423 -7.99 -35.72 -11.89
C LYS B 423 -7.38 -34.88 -13.01
N ALA B 424 -8.25 -34.29 -13.82
CA ALA B 424 -7.84 -33.32 -14.83
C ALA B 424 -8.87 -32.22 -14.82
N ARG B 425 -8.38 -30.98 -14.84
CA ARG B 425 -9.26 -29.82 -14.84
C ARG B 425 -8.96 -28.96 -16.05
N GLY B 426 -10.03 -28.45 -16.66
CA GLY B 426 -9.89 -27.58 -17.82
C GLY B 426 -10.99 -26.55 -17.84
N ARG B 427 -10.92 -25.62 -18.78
CA ARG B 427 -11.93 -24.62 -18.93
C ARG B 427 -11.75 -23.88 -20.25
N ILE B 428 -12.86 -23.44 -20.81
CA ILE B 428 -12.84 -22.73 -22.08
C ILE B 428 -13.57 -21.40 -21.85
N LEU B 429 -12.96 -20.33 -22.33
CA LEU B 429 -13.53 -19.00 -22.17
C LEU B 429 -14.76 -18.86 -23.07
N ARG B 430 -15.89 -18.53 -22.49
CA ARG B 430 -17.10 -18.34 -23.27
C ARG B 430 -17.42 -16.87 -23.50
N PHE B 431 -17.07 -16.00 -22.56
CA PHE B 431 -17.29 -14.57 -22.73
C PHE B 431 -16.19 -13.78 -22.02
N ASP B 432 -15.51 -12.90 -22.75
CA ASP B 432 -14.36 -12.21 -22.16
C ASP B 432 -14.67 -11.18 -21.05
N GLY B 433 -15.83 -10.53 -21.15
CA GLY B 433 -16.24 -9.52 -20.21
C GLY B 433 -15.12 -8.54 -19.92
N TRP B 434 -14.91 -8.24 -18.65
CA TRP B 434 -13.93 -7.27 -18.22
C TRP B 434 -12.52 -7.51 -18.77
N THR B 435 -12.19 -8.75 -19.11
CA THR B 435 -10.84 -9.01 -19.63
C THR B 435 -10.58 -8.41 -21.00
N LYS B 436 -11.65 -8.00 -21.69
CA LYS B 436 -11.51 -7.36 -23.00
C LYS B 436 -10.68 -6.06 -22.91
N VAL B 437 -10.75 -5.37 -21.76
CA VAL B 437 -10.03 -4.10 -21.58
C VAL B 437 -8.58 -4.34 -21.13
N MET B 438 -8.26 -5.58 -20.76
CA MET B 438 -6.89 -5.97 -20.45
C MET B 438 -6.17 -6.46 -21.73
N PRO B 439 -4.85 -6.31 -21.80
CA PRO B 439 -4.09 -6.76 -22.97
C PRO B 439 -4.43 -8.18 -23.40
N ALA B 440 -4.58 -8.38 -24.71
CA ALA B 440 -4.98 -9.67 -25.27
C ALA B 440 -4.20 -10.87 -24.73
N GLU B 446 -6.13 -19.05 -24.24
CA GLU B 446 -4.94 -19.50 -23.53
C GLU B 446 -5.32 -20.27 -22.27
N ASP B 447 -6.29 -21.16 -22.41
CA ASP B 447 -6.70 -22.02 -21.31
C ASP B 447 -6.51 -23.47 -21.71
N ARG B 448 -6.16 -24.31 -20.76
CA ARG B 448 -6.03 -25.74 -21.01
C ARG B 448 -7.40 -26.32 -21.33
N ILE B 449 -7.55 -26.90 -22.52
CA ILE B 449 -8.81 -27.48 -22.97
C ILE B 449 -8.80 -29.02 -22.89
N LEU B 450 -9.81 -29.58 -22.25
CA LEU B 450 -9.92 -31.03 -22.08
C LEU B 450 -10.74 -31.67 -23.20
N PRO B 451 -10.33 -32.85 -23.62
CA PRO B 451 -11.05 -33.57 -24.68
C PRO B 451 -12.39 -34.08 -24.20
N ALA B 452 -13.28 -34.33 -25.15
CA ALA B 452 -14.59 -34.86 -24.84
C ALA B 452 -14.46 -36.29 -24.40
N VAL B 453 -15.06 -36.61 -23.26
CA VAL B 453 -15.10 -37.96 -22.76
C VAL B 453 -16.38 -38.05 -21.97
N ASN B 454 -16.91 -39.26 -21.88
CA ASN B 454 -18.10 -39.48 -21.09
C ASN B 454 -17.84 -40.44 -19.94
N LYS B 455 -18.55 -40.23 -18.84
CA LYS B 455 -18.55 -41.13 -17.71
C LYS B 455 -18.60 -42.57 -18.21
N GLY B 456 -17.66 -43.39 -17.75
CA GLY B 456 -17.61 -44.78 -18.17
C GLY B 456 -16.66 -45.10 -19.33
N ASP B 457 -16.14 -44.07 -19.99
CA ASP B 457 -15.19 -44.28 -21.09
C ASP B 457 -13.87 -44.87 -20.59
N ALA B 458 -13.31 -45.78 -21.36
CA ALA B 458 -12.02 -46.36 -21.02
C ALA B 458 -10.93 -45.45 -21.55
N LEU B 459 -9.84 -45.32 -20.80
CA LEU B 459 -8.70 -44.53 -21.24
C LEU B 459 -7.52 -45.45 -21.42
N THR B 460 -6.66 -45.18 -22.40
CA THR B 460 -5.50 -46.01 -22.60
C THR B 460 -4.28 -45.27 -22.04
N LEU B 461 -3.54 -45.93 -21.16
CA LEU B 461 -2.34 -45.34 -20.56
C LEU B 461 -1.23 -45.27 -21.59
N VAL B 462 -0.56 -44.13 -21.66
CA VAL B 462 0.56 -43.94 -22.57
C VAL B 462 1.87 -43.81 -21.81
N GLU B 463 1.87 -42.99 -20.76
CA GLU B 463 3.08 -42.74 -19.99
C GLU B 463 2.77 -42.27 -18.57
N LEU B 464 3.63 -42.64 -17.63
CA LEU B 464 3.54 -42.17 -16.25
C LEU B 464 4.81 -41.42 -15.93
N THR B 465 4.68 -40.21 -15.39
CA THR B 465 5.86 -39.42 -15.04
C THR B 465 5.89 -39.00 -13.57
N PRO B 466 6.72 -39.65 -12.78
CA PRO B 466 6.86 -39.24 -11.38
C PRO B 466 7.74 -38.01 -11.32
N ALA B 467 7.60 -37.24 -10.26
CA ALA B 467 8.36 -36.00 -10.14
C ALA B 467 8.61 -35.74 -8.69
N GLN B 468 9.86 -35.41 -8.37
CA GLN B 468 10.23 -35.14 -6.99
C GLN B 468 10.18 -33.66 -6.73
N HIS B 469 9.58 -33.30 -5.60
CA HIS B 469 9.46 -31.90 -5.21
C HIS B 469 9.83 -31.79 -3.74
N PHE B 470 10.02 -30.56 -3.27
CA PHE B 470 10.25 -30.32 -1.86
C PHE B 470 9.44 -29.12 -1.44
N THR B 471 9.01 -29.10 -0.19
CA THR B 471 8.26 -27.96 0.34
C THR B 471 9.16 -26.75 0.29
N LYS B 472 8.54 -25.57 0.25
CA LYS B 472 9.27 -24.32 0.14
C LYS B 472 9.08 -23.46 1.39
N PRO B 473 10.13 -22.75 1.80
CA PRO B 473 10.01 -21.83 2.94
C PRO B 473 9.09 -20.66 2.61
N PRO B 474 8.65 -19.90 3.61
CA PRO B 474 7.84 -18.72 3.34
C PRO B 474 8.55 -17.86 2.32
N ALA B 475 7.80 -17.17 1.46
CA ALA B 475 8.39 -16.33 0.44
C ALA B 475 9.00 -15.08 1.07
N ARG B 476 10.10 -14.62 0.49
CA ARG B 476 10.71 -13.38 0.93
C ARG B 476 9.75 -12.27 0.61
N PHE B 477 9.78 -11.23 1.43
CA PHE B 477 8.95 -10.10 1.17
C PHE B 477 9.43 -9.44 -0.10
N SER B 478 8.48 -9.03 -0.94
CA SER B 478 8.81 -8.22 -2.10
C SER B 478 8.37 -6.84 -1.67
N GLU B 479 8.75 -5.82 -2.42
CA GLU B 479 8.27 -4.48 -2.11
C GLU B 479 6.74 -4.51 -2.17
N ALA B 480 6.20 -5.44 -2.95
CA ALA B 480 4.76 -5.59 -3.07
C ALA B 480 4.12 -6.17 -1.80
N SER B 481 4.56 -7.35 -1.41
CA SER B 481 3.99 -8.03 -0.25
C SER B 481 4.17 -7.28 1.09
N LEU B 482 5.16 -6.40 1.19
CA LEU B 482 5.41 -5.73 2.45
C LEU B 482 4.35 -4.69 2.74
N VAL B 483 4.06 -3.86 1.73
CA VAL B 483 3.02 -2.86 1.85
C VAL B 483 1.75 -3.58 2.27
N LYS B 484 1.52 -4.70 1.59
CA LYS B 484 0.33 -5.51 1.80
C LYS B 484 0.22 -5.93 3.26
N GLU B 485 1.34 -6.37 3.82
CA GLU B 485 1.39 -6.82 5.21
C GLU B 485 1.12 -5.69 6.19
N LEU B 486 1.69 -4.52 5.95
CA LEU B 486 1.44 -3.38 6.83
C LEU B 486 -0.04 -3.03 6.86
N GLU B 487 -0.67 -2.97 5.67
CA GLU B 487 -2.09 -2.68 5.58
C GLU B 487 -2.90 -3.68 6.37
N LYS B 488 -2.63 -4.96 6.13
CA LYS B 488 -3.34 -6.06 6.77
C LYS B 488 -3.33 -5.95 8.29
N ARG B 489 -2.20 -5.51 8.84
CA ARG B 489 -2.03 -5.44 10.28
C ARG B 489 -2.49 -4.10 10.87
N GLY B 490 -2.96 -3.21 10.01
CA GLY B 490 -3.44 -1.90 10.44
C GLY B 490 -2.32 -0.98 10.89
N ILE B 491 -1.09 -1.29 10.48
CA ILE B 491 0.06 -0.48 10.82
C ILE B 491 0.40 0.36 9.64
N GLY B 492 0.33 1.67 9.82
CA GLY B 492 0.66 2.58 8.75
C GLY B 492 -0.60 2.97 8.05
N ARG B 493 -0.49 3.96 7.16
CA ARG B 493 -1.65 4.50 6.47
C ARG B 493 -1.25 4.87 5.01
N PRO B 494 -2.23 5.26 4.18
N PRO B 494 -2.04 5.72 4.34
CA PRO B 494 -1.96 5.66 2.79
CA PRO B 494 -1.98 5.87 2.88
C PRO B 494 -0.93 6.78 2.69
C PRO B 494 -0.65 5.46 2.28
N SER B 495 -0.95 7.70 3.64
N SER B 495 0.44 6.07 2.72
CA SER B 495 0.01 8.81 3.65
CA SER B 495 1.76 5.66 2.25
C SER B 495 1.38 8.39 4.17
C SER B 495 2.94 6.39 2.88
N THR B 496 1.51 7.17 4.69
N THR B 496 3.78 7.01 2.05
CA THR B 496 2.77 6.73 5.29
CA THR B 496 5.03 7.59 2.53
C THR B 496 3.37 5.45 4.71
C THR B 496 5.94 6.43 2.93
N TYR B 497 2.62 4.72 3.90
N TYR B 497 5.56 5.24 2.49
CA TYR B 497 3.17 3.52 3.25
CA TYR B 497 6.18 3.98 2.94
C TYR B 497 4.39 3.89 2.41
C TYR B 497 7.48 3.49 2.32
N ALA B 498 4.63 5.19 2.28
N ALA B 498 7.98 2.43 2.95
CA ALA B 498 5.63 5.73 1.37
CA ALA B 498 9.12 1.63 2.49
C ALA B 498 7.03 5.90 1.98
C ALA B 498 10.38 2.41 2.18
N SER B 499 8.02 5.45 1.20
N SER B 499 10.22 3.60 1.62
CA SER B 499 9.46 5.56 1.50
CA SER B 499 11.36 4.41 1.24
C SER B 499 9.85 5.13 2.91
C SER B 499 12.44 4.44 2.31
N ILE B 500 9.10 4.17 3.45
N ILE B 500 12.13 5.07 3.43
CA ILE B 500 9.49 3.51 4.68
CA ILE B 500 13.13 5.28 4.49
C ILE B 500 10.66 2.65 4.22
C ILE B 500 13.60 4.00 5.15
N ILE B 501 10.66 2.35 2.91
N ILE B 501 12.92 2.89 4.91
CA ILE B 501 11.62 1.43 2.35
CA ILE B 501 13.38 1.63 5.49
C ILE B 501 12.73 2.17 1.61
C ILE B 501 14.80 1.41 4.97
N SER B 502 13.50 2.95 2.35
N SER B 502 15.06 1.94 3.77
CA SER B 502 14.65 3.62 1.77
CA SER B 502 16.38 1.89 3.17
C SER B 502 15.71 3.58 2.83
C SER B 502 17.35 2.71 4.00
N THR B 503 15.59 4.39 3.87
N THR B 503 16.83 3.74 4.66
CA THR B 503 16.58 4.37 4.91
CA THR B 503 17.65 4.56 5.54
C THR B 503 16.81 2.93 5.37
C THR B 503 18.48 3.52 6.18
N ILE B 504 15.79 2.28 5.91
N ILE B 504 17.98 2.32 5.99
CA ILE B 504 15.88 0.86 6.20
CA ILE B 504 18.45 1.15 6.67
C ILE B 504 17.11 0.29 5.48
C ILE B 504 19.61 0.41 6.01
N GLN B 505 17.20 0.58 4.19
N GLN B 505 19.48 -0.24 4.85
CA GLN B 505 18.33 0.15 3.35
CA GLN B 505 20.71 -0.86 4.32
C GLN B 505 19.59 0.99 3.58
C GLN B 505 21.81 0.19 4.23
N ASP B 506 19.43 2.30 3.72
N ASP B 506 21.43 1.43 3.96
CA ASP B 506 20.56 3.19 3.97
CA ASP B 506 22.38 2.53 4.10
C ASP B 506 21.17 2.78 5.30
C ASP B 506 22.30 2.77 5.61
N ARG B 507 20.35 2.96 6.31
N ARG B 507 21.09 2.53 6.13
CA ARG B 507 20.52 2.48 7.69
CA ARG B 507 20.79 2.56 7.55
C ARG B 507 21.25 1.18 8.02
C ARG B 507 21.11 1.13 8.03
N GLY B 508 21.45 0.30 7.04
CA GLY B 508 21.97 -1.04 7.29
C GLY B 508 21.11 -2.10 7.98
N TYR B 509 19.80 -1.93 8.05
CA TYR B 509 18.93 -2.93 8.72
C TYR B 509 18.39 -4.00 7.76
N VAL B 510 17.92 -3.59 6.58
CA VAL B 510 17.43 -4.55 5.60
C VAL B 510 17.75 -4.03 4.23
N ARG B 511 17.90 -4.94 3.27
CA ARG B 511 18.24 -4.57 1.91
C ARG B 511 17.36 -5.26 0.88
N VAL B 512 17.11 -4.56 -0.23
CA VAL B 512 16.39 -5.12 -1.36
C VAL B 512 17.37 -5.75 -2.32
N GLU B 513 17.21 -7.04 -2.60
CA GLU B 513 18.04 -7.74 -3.58
C GLU B 513 17.19 -8.61 -4.50
N ASN B 514 17.37 -8.45 -5.80
CA ASN B 514 16.62 -9.22 -6.77
C ASN B 514 15.13 -9.12 -6.49
N ARG B 515 14.72 -7.91 -6.18
CA ARG B 515 13.34 -7.59 -5.97
C ARG B 515 12.74 -8.26 -4.70
N ARG B 516 13.59 -8.70 -3.77
CA ARG B 516 13.12 -9.25 -2.50
C ARG B 516 13.94 -8.69 -1.32
N PHE B 517 13.33 -8.59 -0.14
CA PHE B 517 14.02 -8.05 1.02
C PHE B 517 14.83 -9.09 1.75
N TYR B 518 15.95 -8.63 2.28
CA TYR B 518 16.82 -9.46 3.08
C TYR B 518 17.13 -8.65 4.34
N ALA B 519 16.94 -9.25 5.50
CA ALA B 519 17.30 -8.58 6.75
C ALA B 519 18.82 -8.55 6.85
N GLU B 520 19.39 -7.46 7.33
CA GLU B 520 20.84 -7.43 7.61
C GLU B 520 21.06 -7.71 9.08
N LYS B 521 22.29 -8.04 9.43
N LYS B 521 22.29 -8.05 9.42
CA LYS B 521 22.59 -8.37 10.82
CA LYS B 521 22.65 -8.34 10.81
C LYS B 521 22.32 -7.21 11.78
C LYS B 521 22.30 -7.20 11.77
N MET B 522 22.64 -5.97 11.37
CA MET B 522 22.38 -4.81 12.21
C MET B 522 20.85 -4.64 12.40
N GLY B 523 20.08 -5.07 11.41
CA GLY B 523 18.63 -5.06 11.48
C GLY B 523 18.21 -6.04 12.57
N GLU B 524 18.85 -7.21 12.58
CA GLU B 524 18.54 -8.23 13.58
C GLU B 524 18.98 -7.79 14.98
N ILE B 525 20.19 -7.22 15.06
CA ILE B 525 20.75 -6.73 16.30
C ILE B 525 19.82 -5.68 16.97
N VAL B 526 19.39 -4.71 16.20
CA VAL B 526 18.55 -3.62 16.72
C VAL B 526 17.16 -4.15 17.05
N THR B 527 16.61 -4.98 16.17
CA THR B 527 15.28 -5.52 16.39
C THR B 527 15.23 -6.32 17.69
N ASP B 528 16.21 -7.18 17.94
CA ASP B 528 16.20 -7.97 19.18
C ASP B 528 16.23 -7.07 20.42
N ARG B 529 17.07 -6.03 20.38
CA ARG B 529 17.21 -5.08 21.48
C ARG B 529 15.88 -4.32 21.73
N LEU B 530 15.24 -3.89 20.64
CA LEU B 530 13.99 -3.16 20.73
C LEU B 530 12.87 -4.06 21.24
N GLU B 531 12.78 -5.30 20.75
CA GLU B 531 11.74 -6.22 21.20
C GLU B 531 11.87 -6.52 22.68
N GLU B 532 13.12 -6.57 23.15
CA GLU B 532 13.44 -6.88 24.52
C GLU B 532 13.09 -5.73 25.48
N ASN B 533 13.42 -4.50 25.11
CA ASN B 533 13.21 -3.37 26.02
C ASN B 533 12.09 -2.39 25.65
N PHE B 534 11.58 -2.51 24.44
CA PHE B 534 10.49 -1.66 23.98
C PHE B 534 9.40 -2.55 23.40
N ARG B 535 8.98 -3.53 24.19
CA ARG B 535 8.00 -4.51 23.72
C ARG B 535 6.71 -3.87 23.21
N GLU B 536 6.17 -2.95 24.00
CA GLU B 536 4.95 -2.23 23.65
C GLU B 536 5.08 -1.49 22.31
N LEU B 537 6.13 -0.69 22.20
CA LEU B 537 6.42 0.05 20.96
C LEU B 537 6.55 -0.87 19.74
N MET B 538 7.12 -2.05 19.92
CA MET B 538 7.37 -2.96 18.79
C MET B 538 6.20 -3.91 18.53
N ASN B 539 5.19 -3.89 19.37
CA ASN B 539 4.04 -4.80 19.26
C ASN B 539 3.12 -4.36 18.14
N TYR B 540 2.80 -5.26 17.21
CA TYR B 540 1.96 -4.93 16.07
C TYR B 540 0.57 -4.40 16.44
N ASP B 541 -0.11 -5.04 17.39
CA ASP B 541 -1.43 -4.58 17.78
C ASP B 541 -1.41 -3.21 18.44
N PHE B 542 -0.41 -2.93 19.28
CA PHE B 542 -0.36 -1.61 19.91
C PHE B 542 -0.10 -0.55 18.85
N THR B 543 0.77 -0.89 17.90
CA THR B 543 1.07 0.06 16.85
C THR B 543 -0.16 0.39 16.01
N ALA B 544 -0.99 -0.61 15.71
CA ALA B 544 -2.23 -0.40 14.97
C ALA B 544 -3.22 0.39 15.81
N GLN B 545 -3.18 0.18 17.12
CA GLN B 545 -4.07 0.90 18.00
C GLN B 545 -3.80 2.39 17.97
N MET B 546 -2.52 2.75 17.86
CA MET B 546 -2.17 4.16 17.81
C MET B 546 -2.80 4.85 16.60
N GLU B 547 -2.94 4.16 15.47
CA GLU B 547 -3.60 4.75 14.31
C GLU B 547 -5.06 5.02 14.65
N ASN B 548 -5.65 4.14 15.43
CA ASN B 548 -7.03 4.31 15.88
C ASN B 548 -7.12 5.51 16.80
N ASN B 549 -6.14 5.62 17.70
CA ASN B 549 -6.13 6.75 18.63
C ASN B 549 -6.10 8.07 17.87
N LEU B 550 -5.29 8.13 16.81
CA LEU B 550 -5.16 9.34 16.02
C LEU B 550 -6.44 9.66 15.27
N ASP B 551 -7.12 8.63 14.75
CA ASP B 551 -8.40 8.83 14.10
C ASP B 551 -9.40 9.37 15.13
N GLN B 552 -9.30 8.90 16.36
CA GLN B 552 -10.18 9.35 17.43
C GLN B 552 -10.01 10.86 17.64
N VAL B 553 -8.76 11.32 17.62
CA VAL B 553 -8.48 12.74 17.72
C VAL B 553 -9.06 13.52 16.52
N ALA B 554 -8.83 12.99 15.32
CA ALA B 554 -9.31 13.62 14.09
C ALA B 554 -10.83 13.78 14.10
N ASN B 555 -11.49 12.86 14.78
CA ASN B 555 -12.94 12.84 14.87
C ASN B 555 -13.54 13.35 16.18
N HIS B 556 -12.75 14.07 16.97
CA HIS B 556 -13.23 14.69 18.20
C HIS B 556 -13.71 13.66 19.24
N GLU B 557 -13.12 12.48 19.20
CA GLU B 557 -13.43 11.42 20.16
C GLU B 557 -12.30 11.28 21.18
N ALA B 558 -11.30 12.16 21.06
CA ALA B 558 -10.11 12.14 21.93
C ALA B 558 -9.43 13.49 21.79
N GLU B 559 -8.64 13.86 22.79
CA GLU B 559 -7.94 15.13 22.79
C GLU B 559 -6.45 14.90 22.60
N TRP B 560 -5.84 15.67 21.72
CA TRP B 560 -4.47 15.33 21.30
C TRP B 560 -3.42 15.32 22.38
N LYS B 561 -3.45 16.27 23.32
CA LYS B 561 -2.39 16.32 24.33
C LYS B 561 -2.52 15.17 25.34
N ALA B 562 -3.76 14.74 25.60
CA ALA B 562 -4.03 13.64 26.50
C ALA B 562 -3.55 12.32 25.88
N VAL B 563 -3.80 12.18 24.59
CA VAL B 563 -3.35 11.02 23.82
C VAL B 563 -1.81 10.99 23.86
N LEU B 564 -1.18 12.13 23.65
CA LEU B 564 0.28 12.21 23.72
C LEU B 564 0.79 11.93 25.15
N ASP B 565 0.04 12.39 26.16
CA ASP B 565 0.43 12.15 27.56
C ASP B 565 0.49 10.66 27.86
N HIS B 566 -0.52 9.93 27.42
CA HIS B 566 -0.63 8.51 27.64
C HIS B 566 0.50 7.80 26.88
N PHE B 567 0.70 8.17 25.63
CA PHE B 567 1.79 7.61 24.84
C PHE B 567 3.11 7.80 25.59
N PHE B 568 3.35 9.02 26.05
CA PHE B 568 4.62 9.37 26.66
C PHE B 568 4.88 8.67 27.98
N SER B 569 3.83 8.49 28.77
CA SER B 569 3.94 7.79 30.03
C SER B 569 4.40 6.34 29.79
N ASP B 570 3.74 5.64 28.86
CA ASP B 570 4.13 4.29 28.50
C ASP B 570 5.56 4.24 27.91
N PHE B 571 5.86 5.21 27.06
CA PHE B 571 7.17 5.27 26.41
C PHE B 571 8.32 5.51 27.39
N THR B 572 8.16 6.46 28.31
CA THR B 572 9.23 6.74 29.27
C THR B 572 9.47 5.59 30.24
N GLN B 573 8.42 4.80 30.51
CA GLN B 573 8.55 3.62 31.36
C GLN B 573 9.55 2.66 30.71
N GLN B 574 9.34 2.36 29.43
CA GLN B 574 10.25 1.50 28.67
C GLN B 574 11.64 2.10 28.59
N LEU B 575 11.71 3.38 28.21
CA LEU B 575 12.98 4.05 28.01
C LEU B 575 13.84 4.12 29.28
N ASP B 576 13.19 4.44 30.41
CA ASP B 576 13.92 4.57 31.65
C ASP B 576 14.61 3.26 31.99
N LYS B 577 13.86 2.17 31.89
CA LYS B 577 14.36 0.83 32.13
C LYS B 577 15.46 0.46 31.12
N ALA B 578 15.26 0.85 29.87
CA ALA B 578 16.18 0.49 28.81
C ALA B 578 17.55 1.10 29.02
N GLU B 579 17.56 2.29 29.61
CA GLU B 579 18.80 3.03 29.84
C GLU B 579 19.68 2.37 30.92
N LYS B 580 19.09 1.53 31.76
CA LYS B 580 19.84 0.93 32.86
C LYS B 580 20.90 -0.05 32.37
N ASP B 581 21.71 -0.54 33.30
CA ASP B 581 22.70 -1.55 32.96
C ASP B 581 21.93 -2.83 32.69
N PRO B 582 22.46 -3.72 31.84
CA PRO B 582 21.77 -4.96 31.53
C PRO B 582 21.56 -5.81 32.77
N GLU B 583 22.45 -5.68 33.75
CA GLU B 583 22.30 -6.38 35.01
C GLU B 583 21.02 -5.92 35.74
N GLU B 584 20.57 -4.70 35.46
CA GLU B 584 19.34 -4.16 36.07
C GLU B 584 18.16 -4.29 35.10
N GLY B 585 18.36 -4.95 33.97
CA GLY B 585 17.28 -5.12 33.01
C GLY B 585 17.29 -4.16 31.82
N GLY B 586 18.35 -3.35 31.70
CA GLY B 586 18.50 -2.43 30.59
C GLY B 586 18.89 -3.14 29.30
N MET B 587 18.97 -2.36 28.24
CA MET B 587 19.28 -2.93 26.94
C MET B 587 20.70 -3.52 26.93
N ARG B 588 20.85 -4.66 26.28
CA ARG B 588 22.13 -5.33 26.13
C ARG B 588 22.99 -4.53 25.16
N PRO B 589 24.24 -4.32 25.54
CA PRO B 589 25.21 -3.68 24.65
C PRO B 589 25.50 -4.57 23.46
N ASN B 590 25.88 -3.97 22.34
CA ASN B 590 26.22 -4.74 21.16
C ASN B 590 27.69 -5.11 21.24
N GLN B 591 27.98 -6.23 21.87
CA GLN B 591 29.35 -6.65 22.03
C GLN B 591 29.46 -8.08 22.49
N MET B 592 30.71 -8.50 22.68
CA MET B 592 31.07 -9.82 23.16
C MET B 592 30.40 -10.94 22.41
#